data_8PYL
#
_entry.id   8PYL
#
_cell.length_a   68.502
_cell.length_b   68.502
_cell.length_c   140.070
_cell.angle_alpha   90.000
_cell.angle_beta   90.000
_cell.angle_gamma   90.000
#
_symmetry.space_group_name_H-M   'P 43 21 2'
#
loop_
_entity.id
_entity.type
_entity.pdbx_description
1 polymer 'Insulin-like growth factor 1 receptor beta chain'
2 non-polymer (5S)-5-methyl-1-(1H-pyrrolo[2,3-b]pyridin-4-ylmethyl)-3-[4-(trifluoromethylsulfanyl)phenyl]imidazolidine-2,4-dione
3 non-polymer 'NICKEL (II) ION'
4 non-polymer 'CADMIUM ION'
5 water water
#
_entity_poly.entity_id   1
_entity_poly.type   'polypeptide(L)'
_entity_poly.pdbx_seq_one_letter_code
;MASVNPEYFSAADVYVPDEWEVAREKITMSRELGQGSFGMVYEGVAKGVVKDEPETRVAIKTVNEAASMRERIEFLNEAS
VMKEFNCHHVVRLLGVVSQGQPTLVIMELMTRGDLKSYLRSLRPEMENNPVLAPPSLSKMIQMAGEIADGMAYLNANKFV
HRDLAARNCMVAEDFTVKIGDFGMTRDIYETDYYRKGGKGLLPVRWMSPESLKDGVFTTYSDVWSFGVVLWEIATLAEQP
YQGLSNEQVLRFVMEGGLLDKPDNCPDMLFELMRMCWQYNPKMRPSFLEIISSIKEEMEPGFREVSFYYSEENKAENLYF
Q
;
_entity_poly.pdbx_strand_id   AAA
#
loop_
_chem_comp.id
_chem_comp.type
_chem_comp.name
_chem_comp.formula
CD non-polymer 'CADMIUM ION' 'Cd 2'
IE0 non-polymer (5S)-5-methyl-1-(1H-pyrrolo[2,3-b]pyridin-4-ylmethyl)-3-[4-(trifluoromethylsulfanyl)phenyl]imidazolidine-2,4-dione 'C19 H15 F3 N4 O2 S'
NI non-polymer 'NICKEL (II) ION' 'Ni 2'
#
# COMPACT_ATOMS: atom_id res chain seq x y z
N VAL A 14 -16.05 -1.19 -15.83
CA VAL A 14 -17.51 -1.41 -15.58
C VAL A 14 -18.18 -0.03 -15.38
N TYR A 15 -18.65 0.72 -16.41
CA TYR A 15 -19.16 0.38 -17.73
C TYR A 15 -18.82 -1.04 -18.21
N VAL A 16 -19.82 -1.72 -18.77
CA VAL A 16 -19.63 -3.04 -19.46
C VAL A 16 -19.25 -4.07 -18.40
N PRO A 17 -20.24 -4.55 -17.62
CA PRO A 17 -20.00 -5.64 -16.68
C PRO A 17 -19.36 -6.84 -17.42
N ASP A 18 -18.40 -7.50 -16.79
CA ASP A 18 -17.70 -8.69 -17.37
C ASP A 18 -17.93 -9.89 -16.46
N GLU A 19 -17.28 -11.01 -16.79
CA GLU A 19 -17.36 -12.30 -16.07
C GLU A 19 -17.08 -12.08 -14.56
N TRP A 20 -16.45 -10.95 -14.17
CA TRP A 20 -16.09 -10.54 -12.78
C TRP A 20 -17.31 -10.19 -11.92
N GLU A 21 -18.29 -9.52 -12.52
CA GLU A 21 -19.63 -9.21 -11.92
C GLU A 21 -20.12 -10.39 -11.07
N VAL A 22 -20.63 -10.07 -9.87
CA VAL A 22 -21.23 -11.07 -8.94
C VAL A 22 -22.49 -10.49 -8.29
N ALA A 23 -23.28 -11.39 -7.72
CA ALA A 23 -24.62 -11.14 -7.18
C ALA A 23 -24.54 -10.57 -5.75
N ARG A 24 -25.28 -9.49 -5.50
CA ARG A 24 -25.31 -8.78 -4.20
C ARG A 24 -25.63 -9.77 -3.07
N GLU A 25 -26.37 -10.83 -3.37
CA GLU A 25 -26.93 -11.77 -2.37
C GLU A 25 -25.78 -12.56 -1.74
N LYS A 26 -24.80 -12.96 -2.56
CA LYS A 26 -23.63 -13.83 -2.21
C LYS A 26 -22.78 -13.14 -1.14
N ILE A 27 -22.86 -11.80 -1.10
CA ILE A 27 -22.00 -10.89 -0.30
C ILE A 27 -22.77 -10.46 0.94
N THR A 28 -22.44 -11.04 2.10
CA THR A 28 -22.90 -10.61 3.45
C THR A 28 -21.78 -9.73 4.05
N MET A 29 -22.12 -8.57 4.62
CA MET A 29 -21.16 -7.64 5.29
C MET A 29 -21.29 -7.77 6.81
N SER A 30 -20.18 -8.01 7.50
CA SER A 30 -20.06 -7.99 8.99
C SER A 30 -19.64 -6.58 9.42
N ARG A 31 -18.45 -6.41 10.01
CA ARG A 31 -18.00 -5.15 10.67
C ARG A 31 -17.30 -4.21 9.67
N GLU A 32 -16.83 -3.06 10.17
CA GLU A 32 -16.14 -2.01 9.39
C GLU A 32 -14.63 -2.23 9.51
N LEU A 33 -13.89 -1.87 8.46
CA LEU A 33 -12.42 -1.74 8.50
C LEU A 33 -12.07 -0.26 8.63
N GLY A 34 -12.67 0.59 7.80
CA GLY A 34 -12.40 2.04 7.81
C GLY A 34 -12.80 2.71 6.51
N GLN A 35 -12.47 4.00 6.39
CA GLN A 35 -12.99 4.94 5.36
C GLN A 35 -12.11 4.88 4.10
N GLY A 36 -12.65 4.34 3.00
CA GLY A 36 -12.08 4.36 1.63
C GLY A 36 -12.39 5.67 0.92
N SER A 37 -11.72 5.97 -0.21
CA SER A 37 -11.77 7.28 -0.92
C SER A 37 -13.19 7.58 -1.41
N PHE A 38 -13.93 6.50 -1.72
CA PHE A 38 -15.21 6.49 -2.45
C PHE A 38 -16.33 6.01 -1.54
N GLY A 39 -16.02 5.72 -0.28
CA GLY A 39 -17.01 5.33 0.74
C GLY A 39 -16.40 4.39 1.74
N MET A 40 -17.22 3.89 2.67
CA MET A 40 -16.79 3.01 3.79
C MET A 40 -16.23 1.71 3.21
N VAL A 41 -15.55 0.91 4.04
CA VAL A 41 -15.04 -0.46 3.70
C VAL A 41 -15.34 -1.41 4.87
N TYR A 42 -15.79 -2.63 4.54
CA TYR A 42 -16.29 -3.63 5.51
C TYR A 42 -15.55 -4.95 5.37
N GLU A 43 -15.67 -5.73 6.45
CA GLU A 43 -15.49 -7.20 6.47
C GLU A 43 -16.81 -7.83 5.99
N GLY A 44 -16.76 -9.11 5.64
CA GLY A 44 -17.87 -9.81 4.95
C GLY A 44 -17.42 -11.17 4.46
N VAL A 45 -18.29 -11.82 3.69
CA VAL A 45 -18.12 -13.22 3.21
C VAL A 45 -18.75 -13.27 1.82
N ALA A 46 -18.13 -13.99 0.90
CA ALA A 46 -18.62 -14.13 -0.49
C ALA A 46 -18.51 -15.60 -0.92
N LYS A 47 -19.61 -16.15 -1.45
CA LYS A 47 -19.66 -17.57 -1.86
C LYS A 47 -19.24 -17.64 -3.33
N GLY A 48 -18.69 -18.78 -3.77
CA GLY A 48 -18.25 -18.99 -5.16
C GLY A 48 -17.54 -17.76 -5.70
N VAL A 49 -16.32 -17.53 -5.24
CA VAL A 49 -15.46 -16.38 -5.64
C VAL A 49 -14.00 -16.84 -5.70
N VAL A 50 -13.65 -17.74 -4.78
CA VAL A 50 -12.45 -18.63 -4.84
C VAL A 50 -12.96 -20.05 -5.19
N LYS A 51 -12.37 -20.67 -6.23
CA LYS A 51 -12.62 -22.07 -6.68
C LYS A 51 -12.27 -23.04 -5.54
N ASP A 52 -12.98 -24.19 -5.45
CA ASP A 52 -12.64 -25.33 -4.53
C ASP A 52 -12.70 -24.78 -3.10
N GLU A 53 -13.78 -24.08 -2.75
CA GLU A 53 -13.89 -23.25 -1.52
C GLU A 53 -15.30 -22.67 -1.44
N PRO A 54 -16.08 -23.00 -0.39
CA PRO A 54 -17.50 -22.64 -0.35
C PRO A 54 -17.67 -21.14 -0.04
N GLU A 55 -17.04 -20.71 1.05
CA GLU A 55 -17.13 -19.34 1.64
C GLU A 55 -15.73 -18.72 1.60
N THR A 56 -15.65 -17.38 1.62
CA THR A 56 -14.37 -16.63 1.51
C THR A 56 -14.45 -15.31 2.31
N ARG A 57 -13.54 -15.11 3.26
CA ARG A 57 -13.47 -13.84 4.01
C ARG A 57 -12.96 -12.77 3.05
N VAL A 58 -13.68 -11.64 3.00
CA VAL A 58 -13.52 -10.61 1.95
C VAL A 58 -13.53 -9.22 2.58
N ALA A 59 -12.81 -8.28 1.95
CA ALA A 59 -13.00 -6.84 2.18
C ALA A 59 -13.93 -6.31 1.08
N ILE A 60 -15.05 -5.77 1.52
CA ILE A 60 -16.09 -5.15 0.66
C ILE A 60 -15.85 -3.65 0.75
N LYS A 61 -15.42 -3.10 -0.37
CA LYS A 61 -15.18 -1.66 -0.56
C LYS A 61 -16.45 -1.06 -1.17
N THR A 62 -16.92 0.11 -0.76
CA THR A 62 -18.23 0.64 -1.20
C THR A 62 -18.04 2.03 -1.79
N VAL A 63 -18.96 2.45 -2.65
CA VAL A 63 -19.20 3.88 -2.98
C VAL A 63 -20.35 4.39 -2.08
N ASN A 64 -20.80 5.62 -2.32
CA ASN A 64 -21.64 6.44 -1.40
C ASN A 64 -23.05 6.60 -2.00
N GLU A 65 -24.08 6.45 -1.17
CA GLU A 65 -25.50 6.70 -1.56
C GLU A 65 -25.74 8.19 -1.86
N ALA A 66 -24.68 9.01 -1.93
CA ALA A 66 -24.72 10.45 -2.24
C ALA A 66 -24.13 10.71 -3.63
N ALA A 67 -22.95 10.16 -3.90
CA ALA A 67 -22.05 10.51 -5.03
C ALA A 67 -22.44 9.71 -6.28
N SER A 68 -22.91 10.38 -7.33
CA SER A 68 -23.67 9.74 -8.44
C SER A 68 -22.75 9.39 -9.61
N MET A 69 -23.33 8.76 -10.65
CA MET A 69 -22.73 7.92 -11.76
C MET A 69 -21.21 8.13 -11.95
N ARG A 70 -20.74 9.34 -12.29
CA ARG A 70 -19.38 9.60 -12.85
C ARG A 70 -18.28 9.42 -11.79
N GLU A 71 -18.57 9.56 -10.49
CA GLU A 71 -17.57 9.20 -9.43
C GLU A 71 -17.86 7.77 -8.93
N ARG A 72 -19.00 7.15 -9.31
CA ARG A 72 -19.23 5.68 -9.18
C ARG A 72 -18.42 4.93 -10.26
N ILE A 73 -18.08 5.60 -11.36
CA ILE A 73 -17.29 5.03 -12.50
C ILE A 73 -15.79 5.23 -12.22
N GLU A 74 -15.36 6.41 -11.71
CA GLU A 74 -14.00 6.64 -11.15
C GLU A 74 -13.64 5.32 -10.43
N PHE A 75 -14.49 4.92 -9.49
CA PHE A 75 -14.31 3.77 -8.54
C PHE A 75 -14.11 2.48 -9.34
N LEU A 76 -15.10 2.07 -10.13
CA LEU A 76 -15.09 0.72 -10.77
C LEU A 76 -13.90 0.60 -11.72
N ASN A 77 -13.57 1.64 -12.49
CA ASN A 77 -12.57 1.57 -13.60
C ASN A 77 -11.16 1.48 -12.99
N GLU A 78 -10.94 2.11 -11.84
CA GLU A 78 -9.74 1.94 -10.97
C GLU A 78 -9.59 0.46 -10.60
N ALA A 79 -10.67 -0.19 -10.16
CA ALA A 79 -10.66 -1.63 -9.77
C ALA A 79 -10.58 -2.53 -11.02
N SER A 80 -10.97 -2.04 -12.19
CA SER A 80 -10.80 -2.75 -13.50
C SER A 80 -9.29 -2.94 -13.80
N VAL A 81 -8.43 -2.16 -13.17
CA VAL A 81 -6.97 -2.25 -13.41
C VAL A 81 -6.45 -3.52 -12.77
N MET A 82 -7.01 -3.88 -11.61
CA MET A 82 -6.59 -5.03 -10.78
C MET A 82 -6.98 -6.36 -11.45
N LYS A 83 -7.80 -6.31 -12.50
CA LYS A 83 -8.30 -7.54 -13.18
C LYS A 83 -7.11 -8.19 -13.87
N GLU A 84 -6.20 -7.37 -14.38
CA GLU A 84 -4.95 -7.76 -15.10
C GLU A 84 -4.05 -8.60 -14.19
N PHE A 85 -4.03 -8.30 -12.89
CA PHE A 85 -3.01 -8.72 -11.89
C PHE A 85 -3.14 -10.19 -11.46
N ASN A 86 -2.02 -10.73 -10.99
CA ASN A 86 -1.82 -12.15 -10.63
C ASN A 86 -0.50 -12.28 -9.85
N CYS A 87 -0.31 -11.52 -8.76
CA CYS A 87 0.85 -11.70 -7.83
C CYS A 87 0.33 -12.22 -6.49
N HIS A 88 0.89 -13.29 -5.96
CA HIS A 88 0.46 -13.71 -4.61
C HIS A 88 0.83 -12.59 -3.63
N HIS A 89 1.61 -11.59 -4.04
CA HIS A 89 2.07 -10.51 -3.13
C HIS A 89 1.43 -9.15 -3.46
N VAL A 90 0.39 -9.10 -4.29
CA VAL A 90 -0.52 -7.92 -4.35
C VAL A 90 -1.86 -8.43 -3.87
N VAL A 91 -2.67 -7.59 -3.26
CA VAL A 91 -4.01 -8.00 -2.74
C VAL A 91 -4.88 -8.35 -3.94
N ARG A 92 -5.72 -9.40 -3.86
CA ARG A 92 -6.42 -10.01 -5.03
C ARG A 92 -7.82 -9.42 -5.17
N LEU A 93 -8.20 -9.04 -6.39
CA LEU A 93 -9.61 -8.67 -6.68
C LEU A 93 -10.40 -9.97 -6.81
N LEU A 94 -11.52 -10.09 -6.11
CA LEU A 94 -12.35 -11.32 -6.21
C LEU A 94 -13.59 -11.09 -7.08
N GLY A 95 -14.22 -9.92 -7.03
CA GLY A 95 -15.33 -9.64 -7.95
C GLY A 95 -15.80 -8.21 -7.90
N VAL A 96 -16.91 -7.95 -8.60
CA VAL A 96 -17.54 -6.60 -8.68
C VAL A 96 -19.07 -6.79 -8.52
N VAL A 97 -19.73 -5.73 -8.01
CA VAL A 97 -21.22 -5.59 -7.98
C VAL A 97 -21.52 -4.19 -8.50
N SER A 98 -21.96 -4.09 -9.75
CA SER A 98 -22.08 -2.83 -10.53
C SER A 98 -23.55 -2.40 -10.57
N GLN A 99 -24.41 -3.19 -11.21
CA GLN A 99 -25.87 -2.93 -11.30
C GLN A 99 -26.47 -2.95 -9.88
N GLY A 100 -26.89 -1.80 -9.35
CA GLY A 100 -27.56 -1.68 -8.04
C GLY A 100 -26.95 -0.60 -7.16
N GLN A 101 -27.78 -0.01 -6.27
CA GLN A 101 -27.54 1.31 -5.63
C GLN A 101 -26.39 1.23 -4.62
N PRO A 102 -26.16 0.11 -3.89
CA PRO A 102 -25.01 0.04 -2.96
C PRO A 102 -23.61 0.10 -3.58
N THR A 103 -23.37 -0.51 -4.77
CA THR A 103 -22.11 -0.45 -5.61
C THR A 103 -20.83 -0.74 -4.80
N LEU A 104 -20.34 -1.98 -4.87
CA LEU A 104 -19.25 -2.50 -4.00
C LEU A 104 -18.32 -3.42 -4.80
N VAL A 105 -17.05 -3.46 -4.37
CA VAL A 105 -15.93 -4.28 -4.94
C VAL A 105 -15.45 -5.27 -3.86
N ILE A 106 -15.10 -6.51 -4.24
CA ILE A 106 -14.71 -7.60 -3.29
C ILE A 106 -13.25 -7.96 -3.53
N MET A 107 -12.58 -8.29 -2.44
CA MET A 107 -11.11 -8.31 -2.37
C MET A 107 -10.74 -9.39 -1.36
N GLU A 108 -9.60 -10.05 -1.52
CA GLU A 108 -9.19 -11.07 -0.53
C GLU A 108 -9.03 -10.35 0.81
N LEU A 109 -9.54 -10.91 1.91
CA LEU A 109 -9.50 -10.26 3.24
C LEU A 109 -8.13 -10.53 3.87
N MET A 110 -7.34 -9.48 4.04
CA MET A 110 -6.03 -9.50 4.76
C MET A 110 -6.30 -9.37 6.26
N THR A 111 -6.16 -10.47 7.00
CA THR A 111 -6.85 -10.71 8.29
C THR A 111 -6.08 -10.03 9.43
N ARG A 112 -4.79 -9.71 9.25
CA ARG A 112 -3.96 -9.09 10.33
C ARG A 112 -3.81 -7.59 10.09
N GLY A 113 -4.51 -7.06 9.09
CA GLY A 113 -4.63 -5.61 8.91
C GLY A 113 -3.40 -5.03 8.25
N ASP A 114 -3.21 -3.71 8.37
CA ASP A 114 -2.15 -2.95 7.65
C ASP A 114 -0.80 -3.16 8.36
N LEU A 115 0.30 -3.01 7.65
CA LEU A 115 1.64 -3.32 8.21
C LEU A 115 2.07 -2.27 9.24
N LYS A 116 1.67 -1.00 9.12
CA LYS A 116 1.98 0.01 10.16
C LYS A 116 1.37 -0.44 11.51
N SER A 117 0.11 -0.83 11.53
CA SER A 117 -0.57 -1.27 12.78
C SER A 117 0.16 -2.46 13.39
N TYR A 118 0.52 -3.43 12.56
CA TYR A 118 1.21 -4.65 13.01
C TYR A 118 2.51 -4.23 13.69
N LEU A 119 3.35 -3.49 13.02
CA LEU A 119 4.64 -3.03 13.59
C LEU A 119 4.44 -2.22 14.89
N ARG A 120 3.30 -1.56 15.07
CA ARG A 120 3.08 -0.74 16.27
C ARG A 120 2.58 -1.64 17.39
N SER A 121 1.87 -2.71 17.03
CA SER A 121 1.37 -3.72 17.98
C SER A 121 2.55 -4.42 18.66
N LEU A 122 3.71 -4.47 17.98
CA LEU A 122 4.97 -5.12 18.45
C LEU A 122 5.80 -4.20 19.38
N ARG A 123 5.46 -2.92 19.58
CA ARG A 123 6.31 -1.97 20.33
C ARG A 123 6.28 -2.28 21.83
N PRO A 124 5.09 -2.44 22.47
CA PRO A 124 4.97 -2.23 23.93
C PRO A 124 5.54 -3.32 24.87
N GLU A 125 6.18 -4.38 24.32
CA GLU A 125 6.85 -5.47 25.08
C GLU A 125 8.33 -5.08 25.28
N PRO A 134 13.68 -8.10 19.78
CA PRO A 134 14.47 -7.30 18.82
C PRO A 134 14.44 -7.86 17.39
N PRO A 135 13.56 -7.37 16.46
CA PRO A 135 13.06 -8.19 15.35
C PRO A 135 14.24 -8.63 14.45
N SER A 136 14.36 -9.94 14.23
CA SER A 136 15.52 -10.60 13.55
C SER A 136 15.79 -9.93 12.20
N LEU A 137 17.05 -9.74 11.83
CA LEU A 137 17.42 -9.37 10.44
C LEU A 137 16.57 -10.22 9.48
N SER A 138 16.61 -11.54 9.67
CA SER A 138 15.80 -12.54 8.92
C SER A 138 14.33 -12.10 8.77
N LYS A 139 13.60 -11.92 9.87
CA LYS A 139 12.16 -11.58 9.88
C LYS A 139 11.96 -10.38 8.99
N MET A 140 12.79 -9.36 9.19
CA MET A 140 12.64 -8.05 8.50
C MET A 140 12.98 -8.24 7.03
N ILE A 141 14.07 -8.93 6.74
CA ILE A 141 14.49 -9.23 5.35
C ILE A 141 13.35 -10.00 4.65
N GLN A 142 12.81 -11.01 5.32
CA GLN A 142 11.60 -11.77 4.89
C GLN A 142 10.52 -10.80 4.45
N MET A 143 9.99 -9.99 5.36
CA MET A 143 8.92 -9.00 4.99
C MET A 143 9.34 -8.19 3.75
N ALA A 144 10.47 -7.47 3.83
CA ALA A 144 11.03 -6.57 2.80
C ALA A 144 11.05 -7.28 1.44
N GLY A 145 11.40 -8.57 1.41
CA GLY A 145 11.34 -9.39 0.18
C GLY A 145 9.91 -9.54 -0.35
N GLU A 146 8.96 -9.86 0.52
CA GLU A 146 7.54 -10.05 0.13
C GLU A 146 7.03 -8.73 -0.46
N ILE A 147 7.38 -7.63 0.18
CA ILE A 147 6.94 -6.28 -0.28
C ILE A 147 7.48 -6.00 -1.68
N ALA A 148 8.72 -6.35 -1.96
CA ALA A 148 9.37 -6.04 -3.24
C ALA A 148 8.82 -6.96 -4.35
N ASP A 149 8.44 -8.19 -3.99
CA ASP A 149 7.80 -9.17 -4.90
C ASP A 149 6.67 -8.45 -5.64
N GLY A 150 5.77 -7.90 -4.83
CA GLY A 150 4.55 -7.23 -5.26
C GLY A 150 4.95 -6.07 -6.09
N MET A 151 5.80 -5.20 -5.57
CA MET A 151 6.09 -3.91 -6.24
C MET A 151 6.77 -4.21 -7.58
N ALA A 152 7.62 -5.24 -7.58
CA ALA A 152 8.26 -5.72 -8.82
C ALA A 152 7.18 -6.08 -9.84
N TYR A 153 6.15 -6.82 -9.45
CA TYR A 153 5.04 -7.19 -10.37
C TYR A 153 4.37 -5.90 -10.86
N LEU A 154 3.97 -5.08 -9.92
CA LEU A 154 3.24 -3.83 -10.20
C LEU A 154 4.01 -3.03 -11.23
N ASN A 155 5.29 -2.72 -10.98
CA ASN A 155 6.08 -1.84 -11.87
C ASN A 155 6.28 -2.59 -13.20
N ALA A 156 6.29 -3.92 -13.20
CA ALA A 156 6.36 -4.75 -14.43
C ALA A 156 5.22 -4.39 -15.35
N ASN A 157 4.04 -4.19 -14.78
CA ASN A 157 2.73 -4.03 -15.47
C ASN A 157 2.42 -2.54 -15.58
N LYS A 158 3.48 -1.72 -15.70
CA LYS A 158 3.39 -0.25 -15.84
C LYS A 158 2.48 0.32 -14.74
N PHE A 159 2.51 -0.23 -13.53
CA PHE A 159 1.64 0.26 -12.43
C PHE A 159 2.58 0.91 -11.43
N VAL A 160 2.42 2.22 -11.19
CA VAL A 160 3.18 3.03 -10.21
C VAL A 160 2.26 3.41 -9.07
N HIS A 161 2.61 3.02 -7.85
CA HIS A 161 1.68 2.93 -6.72
C HIS A 161 1.36 4.34 -6.19
N ARG A 162 2.39 5.16 -6.00
CA ARG A 162 2.34 6.60 -5.61
C ARG A 162 2.07 6.81 -4.10
N ASP A 163 1.81 5.75 -3.32
CA ASP A 163 1.62 5.88 -1.83
C ASP A 163 2.05 4.57 -1.19
N LEU A 164 3.15 4.00 -1.70
CA LEU A 164 3.82 2.90 -1.00
C LEU A 164 4.20 3.41 0.40
N ALA A 165 3.80 2.65 1.42
CA ALA A 165 3.97 2.94 2.87
C ALA A 165 3.55 1.73 3.65
N ALA A 166 4.02 1.60 4.88
CA ALA A 166 3.74 0.41 5.71
C ALA A 166 2.22 0.34 5.89
N ARG A 167 1.56 1.50 5.89
CA ARG A 167 0.09 1.57 6.10
C ARG A 167 -0.66 0.98 4.90
N ASN A 168 0.01 0.74 3.76
CA ASN A 168 -0.72 0.22 2.59
C ASN A 168 -0.29 -1.20 2.28
N CYS A 169 0.76 -1.65 2.95
CA CYS A 169 1.11 -3.08 2.99
C CYS A 169 0.11 -3.75 3.92
N MET A 170 -0.29 -4.96 3.57
CA MET A 170 -1.35 -5.67 4.29
C MET A 170 -0.78 -7.01 4.71
N VAL A 171 -1.22 -7.52 5.84
CA VAL A 171 -0.72 -8.79 6.42
C VAL A 171 -1.82 -9.86 6.42
N ALA A 172 -1.45 -11.09 6.06
CA ALA A 172 -2.36 -12.23 5.86
C ALA A 172 -2.45 -13.08 7.13
N GLU A 173 -3.41 -13.99 7.20
CA GLU A 173 -3.52 -14.98 8.31
C GLU A 173 -2.12 -15.55 8.63
N ASP A 174 -1.35 -15.97 7.63
CA ASP A 174 -0.03 -16.62 7.81
C ASP A 174 1.16 -15.64 7.84
N PHE A 175 0.94 -14.33 8.08
CA PHE A 175 1.98 -13.26 8.30
C PHE A 175 2.65 -12.83 6.99
N THR A 176 2.15 -13.30 5.85
CA THR A 176 2.62 -12.91 4.50
C THR A 176 2.26 -11.45 4.26
N VAL A 177 3.20 -10.63 3.80
CA VAL A 177 2.89 -9.21 3.47
C VAL A 177 2.47 -9.12 1.99
N LYS A 178 1.45 -8.31 1.71
CA LYS A 178 1.02 -7.97 0.32
C LYS A 178 0.84 -6.46 0.17
N ILE A 179 1.17 -5.95 -1.01
CA ILE A 179 0.91 -4.55 -1.44
C ILE A 179 -0.60 -4.42 -1.59
N GLY A 180 -1.17 -3.41 -0.98
CA GLY A 180 -2.54 -2.98 -1.19
C GLY A 180 -2.54 -1.47 -1.30
N ASP A 181 -3.67 -0.86 -0.95
CA ASP A 181 -3.86 0.61 -0.94
C ASP A 181 -5.18 0.85 -0.25
N PHE A 182 -5.14 1.30 0.99
CA PHE A 182 -6.34 1.61 1.82
C PHE A 182 -6.87 2.99 1.43
N GLY A 183 -6.00 3.83 0.84
CA GLY A 183 -6.33 5.19 0.39
C GLY A 183 -5.82 6.19 1.42
N MET A 184 -6.11 7.48 1.18
CA MET A 184 -5.38 8.59 1.83
C MET A 184 -6.21 9.11 2.99
N THR A 185 -7.21 8.34 3.44
CA THR A 185 -8.41 8.88 4.14
C THR A 185 -8.83 7.97 5.30
N ARG A 186 -7.91 7.34 6.05
CA ARG A 186 -8.28 6.76 7.37
C ARG A 186 -7.97 7.79 8.47
N ASP A 187 -8.96 8.14 9.28
CA ASP A 187 -8.78 8.91 10.53
C ASP A 187 -7.40 8.57 11.12
N ILE A 188 -7.02 7.29 11.08
CA ILE A 188 -5.97 6.69 11.97
C ILE A 188 -4.59 7.20 11.55
N TYR A 189 -4.42 7.54 10.27
CA TYR A 189 -3.11 7.91 9.68
C TYR A 189 -3.21 9.31 9.05
N GLU A 190 -4.04 10.20 9.62
CA GLU A 190 -4.27 11.58 9.10
C GLU A 190 -2.94 12.37 9.23
N THR A 191 -2.07 12.10 10.23
CA THR A 191 -0.75 12.81 10.34
C THR A 191 0.20 12.37 9.23
N ASP A 192 -0.18 11.39 8.42
CA ASP A 192 0.71 10.88 7.35
C ASP A 192 0.43 11.63 6.04
N TYR A 193 -0.43 12.65 6.02
CA TYR A 193 -0.79 13.36 4.78
C TYR A 193 -0.80 14.85 5.03
N TYR A 194 -0.15 15.57 4.12
CA TYR A 194 -0.06 17.05 4.11
C TYR A 194 -0.98 17.52 2.99
N ARG A 195 -1.76 18.56 3.23
CA ARG A 195 -2.55 19.15 2.13
C ARG A 195 -1.69 20.27 1.54
N LYS A 196 -0.67 19.94 0.74
CA LYS A 196 0.21 20.98 0.13
C LYS A 196 -0.56 21.79 -0.91
N GLY A 197 -0.73 23.08 -0.65
CA GLY A 197 -1.35 24.04 -1.58
C GLY A 197 -2.85 24.05 -1.39
N GLY A 198 -3.34 23.21 -0.48
CA GLY A 198 -4.78 22.93 -0.38
C GLY A 198 -5.24 22.10 -1.57
N LYS A 199 -4.29 21.75 -2.46
CA LYS A 199 -4.40 20.67 -3.49
C LYS A 199 -4.54 19.33 -2.76
N GLY A 200 -4.21 18.21 -3.41
CA GLY A 200 -4.40 16.89 -2.80
C GLY A 200 -3.70 16.73 -1.45
N LEU A 201 -4.15 15.71 -0.70
CA LEU A 201 -3.40 15.09 0.41
C LEU A 201 -2.12 14.49 -0.19
N LEU A 202 -0.97 14.69 0.45
CA LEU A 202 0.33 14.14 0.02
C LEU A 202 1.04 13.43 1.16
N PRO A 203 1.53 12.19 0.94
CA PRO A 203 2.37 11.48 1.90
C PRO A 203 3.80 12.02 1.86
N VAL A 204 3.98 13.27 2.31
CA VAL A 204 5.20 14.08 2.02
C VAL A 204 6.42 13.33 2.58
N ARG A 205 6.25 12.68 3.74
CA ARG A 205 7.29 11.89 4.42
C ARG A 205 7.66 10.63 3.64
N TRP A 206 6.84 10.20 2.68
CA TRP A 206 7.23 8.99 1.92
C TRP A 206 7.75 9.36 0.54
N MET A 207 7.78 10.65 0.20
CA MET A 207 7.95 11.04 -1.22
C MET A 207 9.40 11.38 -1.54
N SER A 208 9.82 10.95 -2.74
CA SER A 208 11.09 11.33 -3.41
C SER A 208 11.17 12.84 -3.59
N PRO A 209 12.42 13.36 -3.63
CA PRO A 209 12.66 14.77 -3.92
C PRO A 209 12.04 15.15 -5.26
N GLU A 210 12.06 14.27 -6.26
CA GLU A 210 11.45 14.62 -7.58
C GLU A 210 9.90 14.67 -7.48
N SER A 211 9.27 13.75 -6.74
CA SER A 211 7.81 13.76 -6.45
C SER A 211 7.48 15.06 -5.70
N LEU A 212 8.38 15.55 -4.85
CA LEU A 212 8.13 16.73 -3.98
C LEU A 212 8.22 18.02 -4.80
N LYS A 213 9.19 18.10 -5.73
CA LYS A 213 9.54 19.34 -6.46
C LYS A 213 8.65 19.46 -7.71
N ASP A 214 8.67 18.42 -8.53
CA ASP A 214 8.19 18.45 -9.93
C ASP A 214 6.97 17.54 -10.09
N GLY A 215 6.45 16.95 -8.99
CA GLY A 215 5.32 15.99 -9.04
C GLY A 215 5.59 14.82 -9.97
N VAL A 216 6.79 14.27 -9.90
CA VAL A 216 7.20 13.14 -10.78
C VAL A 216 7.03 11.87 -9.96
N PHE A 217 6.30 10.91 -10.52
CA PHE A 217 5.96 9.59 -9.92
C PHE A 217 6.31 8.53 -10.95
N THR A 218 7.34 7.73 -10.68
CA THR A 218 7.91 6.67 -11.53
C THR A 218 7.91 5.39 -10.72
N THR A 219 8.47 4.31 -11.26
CA THR A 219 8.74 3.11 -10.44
C THR A 219 9.79 3.48 -9.38
N TYR A 220 10.69 4.45 -9.66
CA TYR A 220 11.80 4.83 -8.72
C TYR A 220 11.33 5.78 -7.65
N SER A 221 10.27 6.54 -7.92
CA SER A 221 9.61 7.27 -6.84
C SER A 221 9.17 6.16 -5.85
N ASP A 222 8.71 5.00 -6.35
CA ASP A 222 8.24 3.86 -5.53
C ASP A 222 9.40 3.24 -4.74
N VAL A 223 10.54 3.02 -5.39
CA VAL A 223 11.79 2.53 -4.73
C VAL A 223 12.24 3.50 -3.61
N TRP A 224 12.01 4.80 -3.76
CA TRP A 224 12.25 5.76 -2.65
C TRP A 224 11.36 5.40 -1.45
N SER A 225 10.08 5.29 -1.70
CA SER A 225 9.10 4.95 -0.65
C SER A 225 9.36 3.55 -0.11
N PHE A 226 10.01 2.68 -0.86
CA PHE A 226 10.30 1.33 -0.32
C PHE A 226 11.38 1.45 0.75
N GLY A 227 12.36 2.30 0.47
CA GLY A 227 13.41 2.64 1.44
C GLY A 227 12.83 3.19 2.73
N VAL A 228 11.83 4.05 2.61
CA VAL A 228 11.13 4.60 3.79
C VAL A 228 10.43 3.44 4.50
N VAL A 229 9.95 2.44 3.78
CA VAL A 229 9.14 1.37 4.39
C VAL A 229 10.14 0.53 5.19
N LEU A 230 11.26 0.18 4.56
CA LEU A 230 12.42 -0.43 5.25
C LEU A 230 12.65 0.28 6.59
N TRP A 231 12.87 1.59 6.54
CA TRP A 231 13.02 2.44 7.75
C TRP A 231 11.87 2.18 8.72
N GLU A 232 10.63 2.21 8.27
CA GLU A 232 9.46 1.92 9.15
C GLU A 232 9.61 0.54 9.82
N ILE A 233 9.92 -0.51 9.03
CA ILE A 233 10.08 -1.91 9.53
C ILE A 233 11.13 -1.96 10.67
N ALA A 234 12.24 -1.25 10.51
CA ALA A 234 13.35 -1.15 11.48
C ALA A 234 12.93 -0.34 12.71
N THR A 235 11.95 0.54 12.63
CA THR A 235 11.63 1.47 13.74
C THR A 235 10.33 1.03 14.44
N LEU A 236 9.75 -0.08 14.01
CA LEU A 236 8.37 -0.51 14.38
C LEU A 236 7.42 0.68 14.15
N ALA A 237 7.61 1.33 13.00
CA ALA A 237 6.73 2.38 12.42
C ALA A 237 6.74 3.63 13.28
N GLU A 238 7.90 4.30 13.38
CA GLU A 238 7.99 5.67 13.91
C GLU A 238 7.56 6.59 12.75
N GLN A 239 7.13 7.83 13.01
CA GLN A 239 6.93 8.87 11.96
C GLN A 239 8.29 9.24 11.34
N PRO A 240 8.49 9.04 10.02
CA PRO A 240 9.74 9.47 9.40
C PRO A 240 9.94 10.97 9.60
N TYR A 241 11.19 11.40 9.77
CA TYR A 241 11.53 12.83 9.90
C TYR A 241 10.76 13.45 11.07
N GLN A 242 10.56 12.72 12.17
CA GLN A 242 9.80 13.25 13.34
C GLN A 242 10.58 14.45 13.87
N GLY A 243 9.89 15.49 14.31
CA GLY A 243 10.50 16.77 14.75
C GLY A 243 10.58 17.79 13.63
N LEU A 244 10.44 17.35 12.39
CA LEU A 244 10.20 18.23 11.23
C LEU A 244 8.70 18.32 10.97
N SER A 245 8.18 19.54 10.86
CA SER A 245 6.85 19.86 10.30
C SER A 245 6.82 19.46 8.83
N ASN A 246 5.63 19.30 8.26
CA ASN A 246 5.47 18.93 6.84
C ASN A 246 6.28 19.91 5.96
N GLU A 247 6.22 21.22 6.16
CA GLU A 247 6.92 22.13 5.20
C GLU A 247 8.43 21.89 5.30
N GLN A 248 8.94 21.53 6.49
CA GLN A 248 10.39 21.36 6.78
C GLN A 248 10.91 20.10 6.11
N VAL A 249 10.07 19.08 6.01
CA VAL A 249 10.41 17.77 5.36
C VAL A 249 10.63 18.04 3.87
N LEU A 250 9.64 18.64 3.21
CA LEU A 250 9.77 19.18 1.84
C LEU A 250 11.16 19.78 1.68
N ARG A 251 11.42 20.84 2.44
CA ARG A 251 12.67 21.61 2.33
C ARG A 251 13.82 20.62 2.52
N PHE A 252 13.78 19.83 3.60
CA PHE A 252 14.89 18.96 4.03
C PHE A 252 15.20 17.97 2.89
N VAL A 253 14.22 17.19 2.47
CA VAL A 253 14.46 16.10 1.47
C VAL A 253 14.89 16.69 0.13
N MET A 254 14.09 17.61 -0.40
CA MET A 254 14.38 18.27 -1.69
C MET A 254 15.80 18.81 -1.70
N GLU A 255 16.27 19.34 -0.57
CA GLU A 255 17.63 19.92 -0.39
C GLU A 255 18.69 18.86 -0.13
N GLY A 256 18.44 17.57 -0.38
CA GLY A 256 19.45 16.50 -0.29
C GLY A 256 19.36 15.70 1.00
N GLY A 257 18.44 16.05 1.91
CA GLY A 257 18.43 15.54 3.29
C GLY A 257 17.88 14.12 3.37
N LEU A 258 18.50 13.29 4.21
CA LEU A 258 18.18 11.84 4.35
C LEU A 258 17.68 11.56 5.77
N LEU A 259 17.02 10.40 5.96
CA LEU A 259 16.69 9.84 7.30
C LEU A 259 17.96 9.29 7.98
N ASP A 260 17.96 9.32 9.32
CA ASP A 260 19.04 8.74 10.16
C ASP A 260 18.87 7.21 10.19
N LYS A 261 19.99 6.49 10.28
CA LYS A 261 20.05 5.02 10.48
C LYS A 261 19.26 4.72 11.73
N PRO A 262 18.22 3.87 11.69
CA PRO A 262 17.49 3.51 12.90
C PRO A 262 18.39 2.88 13.96
N ASP A 263 18.13 3.15 15.24
CA ASP A 263 18.78 2.52 16.42
C ASP A 263 18.69 1.00 16.27
N ASN A 264 19.80 0.26 16.41
CA ASN A 264 19.89 -1.22 16.27
C ASN A 264 19.56 -1.75 14.87
N CYS A 265 19.58 -0.90 13.85
CA CYS A 265 19.40 -1.29 12.43
C CYS A 265 20.60 -2.09 11.94
N PRO A 266 20.37 -3.27 11.30
CA PRO A 266 21.43 -4.06 10.67
C PRO A 266 21.99 -3.33 9.44
N ASP A 267 23.17 -3.69 8.95
CA ASP A 267 23.84 -2.89 7.89
C ASP A 267 23.16 -3.20 6.57
N MET A 268 23.03 -4.49 6.24
CA MET A 268 22.22 -5.00 5.09
C MET A 268 21.08 -4.03 4.85
N LEU A 269 20.29 -3.78 5.88
CA LEU A 269 19.02 -3.04 5.77
C LEU A 269 19.29 -1.56 5.57
N PHE A 270 20.20 -0.97 6.34
CA PHE A 270 20.50 0.47 6.18
C PHE A 270 21.02 0.71 4.77
N GLU A 271 21.73 -0.25 4.17
CA GLU A 271 22.44 0.01 2.89
C GLU A 271 21.47 -0.13 1.71
N LEU A 272 20.43 -0.96 1.82
CA LEU A 272 19.27 -0.93 0.89
C LEU A 272 18.62 0.45 0.91
N MET A 273 18.29 0.93 2.11
CA MET A 273 17.63 2.24 2.26
C MET A 273 18.44 3.29 1.51
N ARG A 274 19.77 3.21 1.50
CA ARG A 274 20.57 4.31 0.93
C ARG A 274 20.53 4.19 -0.59
N MET A 275 20.54 2.97 -1.11
CA MET A 275 20.38 2.72 -2.56
C MET A 275 19.02 3.27 -3.01
N CYS A 276 17.97 2.99 -2.26
CA CYS A 276 16.60 3.53 -2.51
C CYS A 276 16.58 5.07 -2.41
N TRP A 277 17.47 5.72 -1.66
CA TRP A 277 17.38 7.18 -1.39
C TRP A 277 18.41 7.95 -2.19
N GLN A 278 19.09 7.28 -3.12
CA GLN A 278 19.96 7.97 -4.09
C GLN A 278 19.16 9.17 -4.59
N TYR A 279 19.66 10.39 -4.44
CA TYR A 279 18.98 11.60 -4.93
C TYR A 279 18.56 11.43 -6.39
N ASN A 280 19.49 11.08 -7.25
CA ASN A 280 19.20 10.99 -8.69
C ASN A 280 18.46 9.68 -8.94
N PRO A 281 17.15 9.69 -9.28
CA PRO A 281 16.38 8.46 -9.50
C PRO A 281 17.04 7.34 -10.34
N LYS A 282 17.82 7.71 -11.37
CA LYS A 282 18.50 6.73 -12.26
C LYS A 282 19.56 5.94 -11.48
N MET A 283 20.12 6.51 -10.40
CA MET A 283 21.14 5.85 -9.53
C MET A 283 20.49 4.86 -8.54
N ARG A 284 19.19 4.97 -8.26
CA ARG A 284 18.45 4.00 -7.41
C ARG A 284 18.30 2.68 -8.13
N PRO A 285 18.01 1.57 -7.39
CA PRO A 285 17.73 0.29 -8.03
C PRO A 285 16.27 -0.03 -8.35
N SER A 286 16.08 -0.86 -9.38
CA SER A 286 14.82 -1.59 -9.64
C SER A 286 14.55 -2.50 -8.45
N PHE A 287 13.28 -2.67 -8.12
CA PHE A 287 12.78 -3.73 -7.22
C PHE A 287 13.41 -5.06 -7.62
N LEU A 288 13.49 -5.41 -8.91
CA LEU A 288 14.25 -6.62 -9.34
C LEU A 288 15.67 -6.60 -8.75
N GLU A 289 16.41 -5.48 -8.87
CA GLU A 289 17.77 -5.33 -8.30
C GLU A 289 17.68 -5.66 -6.81
N ILE A 290 16.67 -5.13 -6.14
CA ILE A 290 16.49 -5.30 -4.66
C ILE A 290 16.22 -6.77 -4.36
N ILE A 291 15.21 -7.35 -4.98
CA ILE A 291 14.87 -8.77 -4.79
C ILE A 291 16.16 -9.59 -4.97
N SER A 292 16.91 -9.32 -6.03
CA SER A 292 18.21 -9.98 -6.28
C SER A 292 19.12 -9.79 -5.06
N SER A 293 19.40 -8.53 -4.73
CA SER A 293 20.24 -8.10 -3.58
C SER A 293 19.91 -8.87 -2.30
N ILE A 294 18.63 -9.06 -1.99
CA ILE A 294 18.20 -9.72 -0.71
C ILE A 294 18.38 -11.23 -0.84
N LYS A 295 18.02 -11.79 -2.01
CA LYS A 295 17.63 -13.23 -2.14
C LYS A 295 18.90 -14.08 -2.07
N GLU A 296 20.06 -13.42 -2.15
CA GLU A 296 21.40 -13.99 -1.81
C GLU A 296 21.48 -14.27 -0.29
N GLU A 297 21.21 -13.25 0.54
CA GLU A 297 21.04 -13.40 2.03
C GLU A 297 19.74 -14.19 2.29
N MET A 298 19.80 -15.52 2.07
CA MET A 298 18.69 -16.52 2.12
C MET A 298 19.13 -17.80 1.40
C1 IE0 B . -7.92 -4.41 4.15
C2 IE0 B . -7.90 -4.04 2.82
C3 IE0 B . -7.89 -5.04 1.88
C8 IE0 B . -7.92 -4.56 6.32
C9 IE0 B . -7.92 -3.71 5.28
C10 IE0 B . -7.89 -2.59 2.35
C12 IE0 B . -9.19 -1.99 0.24
C13 IE0 B . -8.70 -1.89 -1.18
C15 IE0 B . -6.96 -2.46 0.01
C16 IE0 B . -6.62 -2.23 -2.37
C19 IE0 B . -5.11 -2.48 -4.74
C20 IE0 B . -5.11 -3.51 -3.81
C21 IE0 B . -5.87 -3.37 -2.65
O28 IE0 B . -5.80 -2.77 0.31
F24 IE0 B . -2.03 -2.79 -4.52
C23 IE0 B . -2.46 -2.08 -5.56
F25 IE0 B . -1.58 -2.22 -6.55
F26 IE0 B . -2.56 -0.80 -5.17
S22 IE0 B . -4.13 -2.64 -6.17
C18 IE0 B . -5.86 -1.32 -4.50
C17 IE0 B . -6.62 -1.22 -3.34
N14 IE0 B . -7.38 -2.18 -1.24
O27 IE0 B . -9.45 -1.55 -2.12
C29 IE0 B . -9.59 -0.63 0.79
N11 IE0 B . -7.96 -2.39 0.90
C4 IE0 B . -7.90 -6.37 2.30
N5 IE0 B . -7.90 -6.70 3.57
C6 IE0 B . -7.91 -5.75 4.51
N7 IE0 B . -7.91 -5.82 5.83
NI NI C . 6.01 -15.47 -1.64
CD CD D . 4.75 -11.86 -7.55
#